data_3T7E
#
_entry.id   3T7E
#
_cell.length_a   66.556
_cell.length_b   66.556
_cell.length_c   222.268
_cell.angle_alpha   90.00
_cell.angle_beta   90.00
_cell.angle_gamma   90.00
#
_symmetry.space_group_name_H-M   'P 43 21 2'
#
loop_
_entity.id
_entity.type
_entity.pdbx_description
1 polymer 'Ubiquitin-like modifier-activating enzyme ATG7'
2 non-polymer 'ZINC ION'
3 water water
#
_entity_poly.entity_id   1
_entity_poly.type   'polypeptide(L)'
_entity_poly.pdbx_seq_one_letter_code
;GSSSLLDPLKIADQSVDLNLKLMKWRILPDLNLDIIKNTKVLLLGAGTLGCYVSRALIAWGVRKITFVDNGTVSYSNPVR
QALYNFEDCGKPKAELAAASLKRIFPLMDATGVKLSIPMIGHKLVNEEAQHKDFDRLRALIKEHDIIFLLVDSRESRWLP
SLLSNIENKTVINAALGFDSYLVMRHGNRDEQSSKQLGCYFCHDVVAPTDSLTDRTLDQMCTVTRPGVAMMASSLAVELM
TSLLQTKYSGSETTVLGDIPHQIRGFLHNFSILKLETPAYEHCPACSPKVIEAFTDLGWEFVKKALEHPLYLEEISGLSV
IKQEVERLGNDVFEWEDDESDEIA
;
_entity_poly.pdbx_strand_id   A
#
# COMPACT_ATOMS: atom_id res chain seq x y z
N ASP A 7 -21.87 30.68 -3.25
CA ASP A 7 -20.59 30.37 -2.61
C ASP A 7 -19.82 29.30 -3.40
N PRO A 8 -18.68 29.68 -3.98
CA PRO A 8 -17.90 28.83 -4.91
C PRO A 8 -17.46 27.50 -4.28
N LEU A 9 -16.99 27.56 -3.04
CA LEU A 9 -16.49 26.37 -2.38
C LEU A 9 -17.61 25.35 -2.14
N LYS A 10 -18.76 25.83 -1.68
CA LYS A 10 -19.91 24.95 -1.46
C LYS A 10 -20.33 24.31 -2.79
N ILE A 11 -20.27 25.09 -3.86
CA ILE A 11 -20.59 24.61 -5.20
C ILE A 11 -19.61 23.53 -5.65
N ALA A 12 -18.33 23.75 -5.39
CA ALA A 12 -17.30 22.77 -5.76
C ALA A 12 -17.53 21.46 -5.02
N ASP A 13 -17.99 21.55 -3.77
CA ASP A 13 -18.38 20.39 -3.00
C ASP A 13 -19.58 19.69 -3.62
N GLN A 14 -20.70 20.41 -3.70
CA GLN A 14 -21.91 19.86 -4.30
C GLN A 14 -21.66 19.25 -5.70
N SER A 15 -20.60 19.69 -6.37
CA SER A 15 -20.31 19.28 -7.74
C SER A 15 -19.81 17.83 -7.84
N VAL A 16 -18.93 17.47 -6.92
CA VAL A 16 -18.22 16.21 -6.98
C VAL A 16 -19.05 15.07 -6.42
N ASP A 17 -19.79 15.34 -5.35
CA ASP A 17 -20.72 14.36 -4.82
C ASP A 17 -21.81 14.10 -5.84
N LEU A 18 -22.21 15.17 -6.54
CA LEU A 18 -23.21 15.07 -7.59
C LEU A 18 -22.72 14.25 -8.79
N ASN A 19 -21.50 14.50 -9.23
CA ASN A 19 -20.90 13.72 -10.30
C ASN A 19 -20.96 12.22 -10.00
N LEU A 20 -20.66 11.89 -8.75
CA LEU A 20 -20.60 10.50 -8.30
C LEU A 20 -22.00 9.92 -8.19
N LYS A 21 -22.94 10.70 -7.65
CA LYS A 21 -24.32 10.21 -7.59
C LYS A 21 -24.92 9.96 -8.99
N LEU A 22 -24.51 10.73 -9.98
CA LEU A 22 -25.00 10.50 -11.35
C LEU A 22 -24.41 9.23 -11.94
N MET A 23 -23.20 8.88 -11.51
CA MET A 23 -22.61 7.60 -11.88
C MET A 23 -23.51 6.48 -11.36
N LYS A 24 -23.84 6.55 -10.08
CA LYS A 24 -24.71 5.58 -9.44
C LYS A 24 -26.06 5.43 -10.19
N TRP A 25 -26.79 6.52 -10.35
CA TRP A 25 -28.16 6.44 -10.84
C TRP A 25 -28.27 6.28 -12.36
N ARG A 26 -27.28 6.78 -13.08
CA ARG A 26 -27.29 6.61 -14.52
C ARG A 26 -26.89 5.19 -14.94
N ILE A 27 -26.01 4.57 -14.17
CA ILE A 27 -25.33 3.34 -14.59
C ILE A 27 -25.34 2.20 -13.57
N LEU A 28 -25.05 2.50 -12.31
CA LEU A 28 -24.92 1.45 -11.28
C LEU A 28 -25.71 1.71 -9.99
N PRO A 29 -27.03 1.55 -10.03
CA PRO A 29 -27.84 1.91 -8.87
C PRO A 29 -27.42 1.22 -7.58
N ASP A 30 -26.81 0.05 -7.66
CA ASP A 30 -26.43 -0.68 -6.44
C ASP A 30 -25.11 -0.22 -5.83
N LEU A 31 -24.42 0.69 -6.52
CA LEU A 31 -23.14 1.22 -6.07
C LEU A 31 -23.27 1.95 -4.73
N ASN A 32 -22.47 1.55 -3.76
CA ASN A 32 -22.46 2.19 -2.43
C ASN A 32 -21.32 3.21 -2.39
N LEU A 33 -21.71 4.48 -2.46
CA LEU A 33 -20.78 5.59 -2.59
C LEU A 33 -20.34 6.11 -1.23
N ASP A 34 -21.21 6.01 -0.24
CA ASP A 34 -20.92 6.52 1.08
C ASP A 34 -19.77 5.76 1.73
N ILE A 35 -19.78 4.44 1.60
CA ILE A 35 -18.72 3.64 2.21
C ILE A 35 -17.36 4.00 1.60
N ILE A 36 -17.35 4.42 0.33
CA ILE A 36 -16.12 4.94 -0.26
C ILE A 36 -15.73 6.30 0.32
N LYS A 37 -16.69 7.22 0.40
CA LYS A 37 -16.42 8.58 0.88
C LYS A 37 -15.90 8.58 2.32
N ASN A 38 -16.52 7.78 3.18
CA ASN A 38 -16.20 7.72 4.59
C ASN A 38 -14.99 6.86 4.95
N THR A 39 -14.38 6.25 3.94
CA THR A 39 -13.21 5.43 4.16
C THR A 39 -11.98 6.28 4.49
N LYS A 40 -11.43 6.05 5.68
CA LYS A 40 -10.20 6.73 6.08
C LYS A 40 -8.98 6.01 5.47
N VAL A 41 -8.25 6.72 4.61
CA VAL A 41 -7.18 6.12 3.84
C VAL A 41 -5.80 6.57 4.31
N LEU A 42 -4.92 5.60 4.57
CA LEU A 42 -3.53 5.91 4.92
C LEU A 42 -2.62 5.56 3.76
N LEU A 43 -1.87 6.53 3.24
CA LEU A 43 -0.94 6.22 2.16
C LEU A 43 0.50 6.20 2.67
N LEU A 44 1.11 5.02 2.68
CA LEU A 44 2.52 4.88 3.04
C LEU A 44 3.36 5.04 1.79
N GLY A 45 3.88 6.25 1.60
CA GLY A 45 4.57 6.64 0.39
C GLY A 45 3.88 7.79 -0.33
N ALA A 46 4.62 8.87 -0.56
CA ALA A 46 4.15 10.06 -1.26
C ALA A 46 4.99 10.26 -2.51
N GLY A 47 5.48 9.15 -3.06
CA GLY A 47 6.18 9.17 -4.32
C GLY A 47 5.21 9.08 -5.48
N THR A 48 5.66 8.50 -6.59
CA THR A 48 4.82 8.45 -7.79
C THR A 48 3.50 7.74 -7.51
N LEU A 49 3.55 6.61 -6.81
CA LEU A 49 2.34 5.86 -6.46
C LEU A 49 1.42 6.66 -5.54
N GLY A 50 1.98 7.20 -4.46
CA GLY A 50 1.16 7.97 -3.53
C GLY A 50 0.46 9.13 -4.23
N CYS A 51 1.16 9.82 -5.13
CA CYS A 51 0.58 10.95 -5.83
C CYS A 51 -0.59 10.55 -6.73
N TYR A 52 -0.39 9.51 -7.54
CA TYR A 52 -1.44 9.04 -8.44
C TYR A 52 -2.59 8.35 -7.71
N VAL A 53 -2.28 7.58 -6.68
CA VAL A 53 -3.34 6.95 -5.91
C VAL A 53 -4.24 8.00 -5.25
N SER A 54 -3.63 9.05 -4.69
CA SER A 54 -4.43 10.07 -4.03
C SER A 54 -5.38 10.78 -5.01
N ARG A 55 -4.89 11.08 -6.21
CA ARG A 55 -5.74 11.73 -7.20
C ARG A 55 -6.92 10.85 -7.59
N ALA A 56 -6.70 9.54 -7.70
CA ALA A 56 -7.79 8.63 -8.05
C ALA A 56 -8.78 8.56 -6.89
N LEU A 57 -8.27 8.54 -5.66
CA LEU A 57 -9.13 8.46 -4.48
C LEU A 57 -10.07 9.68 -4.38
N ILE A 58 -9.51 10.86 -4.55
CA ILE A 58 -10.36 12.06 -4.41
C ILE A 58 -11.40 12.15 -5.52
N ALA A 59 -11.08 11.59 -6.69
CA ALA A 59 -12.06 11.56 -7.79
C ALA A 59 -13.21 10.62 -7.41
N TRP A 60 -12.90 9.62 -6.59
CA TRP A 60 -13.94 8.71 -6.11
C TRP A 60 -14.61 9.26 -4.86
N GLY A 61 -14.29 10.50 -4.50
CA GLY A 61 -14.94 11.13 -3.36
C GLY A 61 -14.39 10.84 -1.96
N VAL A 62 -13.26 10.16 -1.86
CA VAL A 62 -12.63 9.92 -0.55
C VAL A 62 -12.30 11.27 0.13
N ARG A 63 -12.69 11.42 1.39
CA ARG A 63 -12.55 12.71 2.06
C ARG A 63 -11.35 12.81 2.97
N LYS A 64 -10.92 11.69 3.55
CA LYS A 64 -9.81 11.71 4.49
C LYS A 64 -8.65 10.89 4.00
N ILE A 65 -7.56 11.58 3.68
CA ILE A 65 -6.34 10.94 3.22
C ILE A 65 -5.14 11.42 4.00
N THR A 66 -4.33 10.47 4.47
CA THR A 66 -3.12 10.81 5.20
C THR A 66 -1.90 10.25 4.49
N PHE A 67 -0.98 11.13 4.13
CA PHE A 67 0.29 10.73 3.53
C PHE A 67 1.34 10.53 4.60
N VAL A 68 2.18 9.53 4.41
CA VAL A 68 3.34 9.31 5.27
C VAL A 68 4.58 9.16 4.41
N ASP A 69 5.54 10.04 4.60
CA ASP A 69 6.78 9.98 3.82
C ASP A 69 7.84 10.70 4.61
N ASN A 70 9.05 10.15 4.60
CA ASN A 70 10.14 10.80 5.29
C ASN A 70 10.99 11.64 4.33
N GLY A 71 10.68 11.56 3.04
CA GLY A 71 11.48 12.20 2.03
C GLY A 71 11.25 13.68 1.78
N THR A 72 12.04 14.21 0.85
CA THR A 72 12.02 15.61 0.44
C THR A 72 11.86 15.67 -1.10
N VAL A 73 11.16 16.68 -1.61
CA VAL A 73 10.98 16.79 -3.06
C VAL A 73 12.30 17.06 -3.77
N SER A 74 12.71 16.17 -4.68
CA SER A 74 13.96 16.35 -5.40
C SER A 74 13.74 17.00 -6.76
N TYR A 75 14.82 17.41 -7.40
CA TYR A 75 14.74 18.05 -8.71
C TYR A 75 14.09 17.22 -9.80
N SER A 76 14.21 15.89 -9.72
CA SER A 76 13.67 15.02 -10.75
C SER A 76 12.23 14.59 -10.44
N ASN A 77 11.81 14.82 -9.21
CA ASN A 77 10.51 14.34 -8.74
C ASN A 77 9.26 14.86 -9.50
N PRO A 78 9.14 16.19 -9.71
CA PRO A 78 7.85 16.69 -10.22
C PRO A 78 7.33 16.07 -11.53
N VAL A 79 8.18 15.82 -12.52
CA VAL A 79 7.71 15.19 -13.76
C VAL A 79 7.07 13.82 -13.52
N ARG A 80 7.54 13.07 -12.54
CA ARG A 80 6.95 11.74 -12.31
C ARG A 80 5.92 11.74 -11.19
N GLN A 81 6.04 12.67 -10.24
CA GLN A 81 5.25 12.60 -9.02
C GLN A 81 4.26 13.77 -9.00
N ALA A 82 2.99 13.43 -9.18
CA ALA A 82 2.00 14.35 -9.73
C ALA A 82 1.34 15.36 -8.78
N LEU A 83 1.95 15.62 -7.62
CA LEU A 83 1.46 16.64 -6.68
C LEU A 83 2.45 17.76 -6.47
N TYR A 84 3.63 17.63 -7.08
CA TYR A 84 4.71 18.57 -6.81
C TYR A 84 5.06 19.42 -8.02
N ASN A 85 5.46 20.65 -7.75
CA ASN A 85 5.95 21.56 -8.77
C ASN A 85 7.43 21.81 -8.61
N PHE A 86 8.02 22.41 -9.64
CA PHE A 86 9.42 22.78 -9.61
C PHE A 86 9.71 23.66 -8.40
N GLU A 87 8.79 24.56 -8.06
CA GLU A 87 9.02 25.49 -6.95
C GLU A 87 9.02 24.80 -5.58
N ASP A 88 8.61 23.54 -5.55
CA ASP A 88 8.52 22.77 -4.30
C ASP A 88 9.82 22.07 -3.95
N CYS A 89 10.81 22.16 -4.83
CA CYS A 89 12.02 21.36 -4.67
C CYS A 89 12.78 21.69 -3.39
N GLY A 90 13.02 20.66 -2.59
CA GLY A 90 13.64 20.84 -1.29
C GLY A 90 12.67 20.64 -0.14
N LYS A 91 11.39 20.97 -0.35
CA LYS A 91 10.39 20.91 0.71
C LYS A 91 10.04 19.49 1.12
N PRO A 92 9.57 19.31 2.37
CA PRO A 92 9.19 17.98 2.85
C PRO A 92 7.96 17.43 2.14
N LYS A 93 8.07 16.20 1.64
CA LYS A 93 7.11 15.61 0.73
C LYS A 93 5.69 15.45 1.28
N ALA A 94 5.56 14.89 2.48
CA ALA A 94 4.26 14.42 2.95
C ALA A 94 3.29 15.58 3.12
N GLU A 95 3.72 16.58 3.90
CA GLU A 95 2.92 17.76 4.14
C GLU A 95 2.67 18.53 2.85
N LEU A 96 3.67 18.56 1.97
CA LEU A 96 3.49 19.17 0.67
C LEU A 96 2.37 18.46 -0.11
N ALA A 97 2.40 17.12 -0.08
CA ALA A 97 1.40 16.32 -0.77
C ALA A 97 -0.01 16.66 -0.28
N ALA A 98 -0.15 16.77 1.04
CA ALA A 98 -1.41 17.13 1.66
C ALA A 98 -1.85 18.53 1.23
N ALA A 99 -0.92 19.47 1.27
CA ALA A 99 -1.24 20.83 0.85
C ALA A 99 -1.63 20.83 -0.62
N SER A 100 -1.01 19.98 -1.44
CA SER A 100 -1.32 20.00 -2.85
C SER A 100 -2.76 19.48 -3.11
N LEU A 101 -3.15 18.44 -2.39
CA LEU A 101 -4.51 17.92 -2.46
C LEU A 101 -5.55 18.99 -2.12
N LYS A 102 -5.28 19.78 -1.10
CA LYS A 102 -6.21 20.80 -0.66
C LYS A 102 -6.27 21.94 -1.67
N ARG A 103 -5.21 22.14 -2.42
CA ARG A 103 -5.27 23.08 -3.54
C ARG A 103 -6.25 22.60 -4.63
N ILE A 104 -6.30 21.28 -4.87
CA ILE A 104 -7.25 20.71 -5.82
C ILE A 104 -8.66 20.82 -5.26
N PHE A 105 -8.81 20.39 -4.01
CA PHE A 105 -10.12 20.24 -3.38
C PHE A 105 -10.06 20.65 -1.91
N PRO A 106 -10.32 21.94 -1.63
CA PRO A 106 -10.04 22.58 -0.33
C PRO A 106 -10.67 21.94 0.91
N LEU A 107 -11.78 21.24 0.79
CA LEU A 107 -12.43 20.69 1.98
C LEU A 107 -12.06 19.23 2.25
N MET A 108 -10.97 18.80 1.62
CA MET A 108 -10.39 17.49 1.83
C MET A 108 -9.82 17.43 3.25
N ASP A 109 -9.96 16.29 3.94
CA ASP A 109 -9.26 16.12 5.21
C ASP A 109 -7.93 15.41 4.95
N ALA A 110 -7.00 16.16 4.37
CA ALA A 110 -5.70 15.63 3.95
C ALA A 110 -4.61 16.13 4.88
N THR A 111 -3.78 15.22 5.38
CA THR A 111 -2.68 15.63 6.24
C THR A 111 -1.43 14.85 5.90
N GLY A 112 -0.28 15.47 6.11
CA GLY A 112 0.99 14.80 5.91
C GLY A 112 1.74 14.57 7.21
N VAL A 113 2.29 13.39 7.35
CA VAL A 113 3.15 13.06 8.49
C VAL A 113 4.55 12.67 8.01
N LYS A 114 5.55 13.38 8.52
CA LYS A 114 6.95 13.07 8.22
C LYS A 114 7.45 12.03 9.22
N LEU A 115 7.68 10.83 8.72
CA LEU A 115 7.90 9.67 9.57
C LEU A 115 8.70 8.65 8.78
N SER A 116 9.69 8.02 9.39
CA SER A 116 10.46 7.01 8.69
C SER A 116 9.92 5.63 9.00
N ILE A 117 9.99 4.75 8.01
CA ILE A 117 9.65 3.35 8.20
C ILE A 117 10.94 2.56 8.15
N PRO A 118 11.27 1.84 9.23
CA PRO A 118 12.51 1.05 9.32
C PRO A 118 12.52 -0.09 8.30
N MET A 119 13.66 -0.34 7.67
CA MET A 119 13.76 -1.42 6.71
C MET A 119 14.33 -2.65 7.38
N ILE A 120 13.71 -3.80 7.15
CA ILE A 120 14.18 -5.03 7.75
C ILE A 120 15.48 -5.37 7.06
N GLY A 121 16.46 -5.80 7.85
CA GLY A 121 17.78 -6.12 7.33
C GLY A 121 18.79 -5.01 7.59
N HIS A 122 18.34 -3.93 8.21
CA HIS A 122 19.22 -2.79 8.46
C HIS A 122 19.39 -2.55 9.95
N LYS A 123 20.60 -2.20 10.36
CA LYS A 123 20.79 -1.81 11.76
C LYS A 123 20.05 -0.51 12.04
N LEU A 124 19.57 -0.38 13.27
CA LEU A 124 18.92 0.85 13.74
C LEU A 124 19.93 1.98 13.90
N VAL A 125 19.53 3.18 13.50
CA VAL A 125 20.38 4.37 13.63
C VAL A 125 20.15 5.08 14.96
N ASN A 126 18.90 5.12 15.41
CA ASN A 126 18.56 5.75 16.68
C ASN A 126 17.45 4.97 17.35
N GLU A 127 17.83 4.09 18.28
CA GLU A 127 16.87 3.17 18.90
C GLU A 127 15.65 3.91 19.40
N GLU A 128 15.88 5.06 20.00
CA GLU A 128 14.82 5.82 20.63
C GLU A 128 13.93 6.51 19.58
N ALA A 129 14.56 7.27 18.70
CA ALA A 129 13.82 7.95 17.65
C ALA A 129 12.93 6.98 16.89
N GLN A 130 13.46 5.82 16.53
CA GLN A 130 12.72 4.90 15.68
C GLN A 130 11.68 4.14 16.50
N HIS A 131 11.98 3.96 17.77
CA HIS A 131 10.98 3.43 18.71
C HIS A 131 9.74 4.32 18.68
N LYS A 132 9.93 5.63 18.87
CA LYS A 132 8.84 6.60 18.73
C LYS A 132 8.14 6.39 17.39
N ASP A 133 8.91 6.42 16.31
CA ASP A 133 8.33 6.31 14.96
C ASP A 133 7.52 5.04 14.81
N PHE A 134 7.96 3.98 15.47
CA PHE A 134 7.24 2.72 15.42
C PHE A 134 5.86 2.84 16.06
N ASP A 135 5.80 3.40 17.26
CA ASP A 135 4.54 3.65 17.94
C ASP A 135 3.64 4.53 17.08
N ARG A 136 4.23 5.59 16.54
CA ARG A 136 3.50 6.55 15.74
C ARG A 136 2.90 5.85 14.52
N LEU A 137 3.68 4.98 13.88
CA LEU A 137 3.19 4.25 12.72
C LEU A 137 2.03 3.35 13.08
N ARG A 138 2.14 2.67 14.23
CA ARG A 138 1.06 1.79 14.66
C ARG A 138 -0.22 2.58 14.92
N ALA A 139 -0.05 3.77 15.51
CA ALA A 139 -1.18 4.63 15.82
C ALA A 139 -1.91 5.05 14.53
N LEU A 140 -1.15 5.48 13.53
CA LEU A 140 -1.74 5.89 12.26
C LEU A 140 -2.50 4.74 11.62
N ILE A 141 -1.92 3.56 11.64
CA ILE A 141 -2.56 2.40 11.06
C ILE A 141 -3.88 2.06 11.79
N LYS A 142 -3.86 2.08 13.12
CA LYS A 142 -5.06 1.80 13.89
C LYS A 142 -6.11 2.86 13.59
N GLU A 143 -5.68 4.11 13.45
CA GLU A 143 -6.57 5.23 13.20
C GLU A 143 -7.36 5.11 11.88
N HIS A 144 -6.76 4.48 10.87
CA HIS A 144 -7.33 4.43 9.52
C HIS A 144 -8.06 3.14 9.12
N ASP A 145 -8.75 3.17 7.98
CA ASP A 145 -9.56 2.05 7.50
C ASP A 145 -8.86 1.20 6.45
N ILE A 146 -8.28 1.86 5.44
CA ILE A 146 -7.56 1.15 4.38
C ILE A 146 -6.13 1.67 4.32
N ILE A 147 -5.17 0.75 4.31
CA ILE A 147 -3.76 1.11 4.23
C ILE A 147 -3.22 0.76 2.85
N PHE A 148 -2.67 1.76 2.14
CA PHE A 148 -2.01 1.51 0.85
C PHE A 148 -0.51 1.45 1.11
N LEU A 149 0.12 0.34 0.74
CA LEU A 149 1.55 0.22 0.89
C LEU A 149 2.20 0.58 -0.42
N LEU A 150 2.75 1.79 -0.47
CA LEU A 150 3.25 2.36 -1.71
C LEU A 150 4.70 2.75 -1.55
N VAL A 151 5.47 1.88 -0.91
CA VAL A 151 6.90 2.10 -0.66
C VAL A 151 7.76 1.61 -1.83
N ASP A 152 9.06 1.90 -1.79
CA ASP A 152 9.89 1.65 -2.97
C ASP A 152 10.54 0.28 -3.01
N SER A 153 10.61 -0.38 -1.87
CA SER A 153 11.18 -1.72 -1.85
C SER A 153 10.49 -2.67 -0.87
N ARG A 154 10.74 -3.95 -1.12
CA ARG A 154 10.36 -5.04 -0.26
C ARG A 154 10.68 -4.77 1.23
N GLU A 155 11.89 -4.31 1.53
CA GLU A 155 12.27 -4.22 2.95
C GLU A 155 11.54 -3.14 3.75
N SER A 156 10.94 -2.17 3.07
CA SER A 156 10.15 -1.16 3.76
C SER A 156 8.71 -1.64 3.90
N ARG A 157 8.41 -2.77 3.29
CA ARG A 157 7.06 -3.30 3.31
C ARG A 157 6.76 -4.11 4.58
N TRP A 158 7.79 -4.68 5.17
CA TRP A 158 7.61 -5.67 6.24
C TRP A 158 6.90 -5.13 7.47
N LEU A 159 7.45 -4.08 8.09
CA LEU A 159 6.84 -3.57 9.32
C LEU A 159 5.36 -3.16 9.16
N PRO A 160 5.04 -2.38 8.11
CA PRO A 160 3.64 -1.98 7.95
C PRO A 160 2.71 -3.18 7.68
N SER A 161 3.20 -4.19 6.98
CA SER A 161 2.42 -5.41 6.74
C SER A 161 2.03 -6.05 8.06
N LEU A 162 3.04 -6.38 8.84
CA LEU A 162 2.85 -6.95 10.15
C LEU A 162 1.83 -6.13 10.94
N LEU A 163 2.06 -4.82 11.05
CA LEU A 163 1.22 -3.97 11.89
C LEU A 163 -0.23 -3.91 11.39
N SER A 164 -0.38 -3.93 10.07
CA SER A 164 -1.69 -3.87 9.45
C SER A 164 -2.45 -5.15 9.69
N ASN A 165 -1.74 -6.26 9.71
CA ASN A 165 -2.36 -7.53 10.04
C ASN A 165 -2.78 -7.53 11.51
N ILE A 166 -1.89 -7.06 12.38
CA ILE A 166 -2.19 -6.96 13.80
C ILE A 166 -3.43 -6.12 14.10
N GLU A 167 -3.63 -5.05 13.33
CA GLU A 167 -4.74 -4.16 13.60
C GLU A 167 -5.96 -4.49 12.73
N ASN A 168 -5.86 -5.56 11.97
CA ASN A 168 -6.96 -6.03 11.14
C ASN A 168 -7.48 -5.02 10.14
N LYS A 169 -6.56 -4.37 9.44
CA LYS A 169 -6.92 -3.41 8.43
C LYS A 169 -6.76 -4.05 7.05
N THR A 170 -7.64 -3.70 6.13
CA THR A 170 -7.46 -4.08 4.76
C THR A 170 -6.21 -3.38 4.25
N VAL A 171 -5.37 -4.12 3.54
CA VAL A 171 -4.14 -3.56 3.02
C VAL A 171 -4.09 -3.75 1.52
N ILE A 172 -3.66 -2.71 0.83
CA ILE A 172 -3.47 -2.81 -0.60
C ILE A 172 -2.02 -2.43 -0.94
N ASN A 173 -1.29 -3.39 -1.49
CA ASN A 173 0.09 -3.19 -1.90
C ASN A 173 0.15 -2.83 -3.37
N ALA A 174 1.06 -1.93 -3.72
CA ALA A 174 1.47 -1.80 -5.11
C ALA A 174 2.97 -1.74 -5.19
N ALA A 175 3.50 -2.45 -6.17
CA ALA A 175 4.94 -2.57 -6.34
C ALA A 175 5.23 -2.49 -7.82
N LEU A 176 6.32 -1.81 -8.13
CA LEU A 176 6.69 -1.51 -9.51
C LEU A 176 7.98 -2.20 -9.89
N GLY A 177 8.05 -2.64 -11.13
CA GLY A 177 9.34 -2.90 -11.75
C GLY A 177 9.48 -2.04 -12.99
N PHE A 178 10.58 -2.23 -13.70
CA PHE A 178 10.84 -1.47 -14.90
C PHE A 178 9.64 -1.37 -15.83
N ASP A 179 8.99 -2.51 -16.09
CA ASP A 179 7.91 -2.55 -17.06
C ASP A 179 6.74 -3.44 -16.66
N SER A 180 6.60 -3.66 -15.37
CA SER A 180 5.52 -4.49 -14.88
C SER A 180 5.19 -3.97 -13.51
N TYR A 181 4.07 -4.41 -12.97
CA TYR A 181 3.65 -3.98 -11.64
C TYR A 181 2.83 -5.10 -10.99
N LEU A 182 2.69 -5.01 -9.68
CA LEU A 182 1.89 -5.91 -8.87
C LEU A 182 0.99 -5.05 -8.01
N VAL A 183 -0.27 -5.41 -7.97
CA VAL A 183 -1.24 -4.80 -7.09
C VAL A 183 -1.87 -5.98 -6.36
N MET A 184 -1.86 -5.97 -5.04
CA MET A 184 -2.54 -7.03 -4.32
C MET A 184 -3.14 -6.53 -3.02
N ARG A 185 -4.21 -7.20 -2.59
CA ARG A 185 -4.76 -6.95 -1.27
C ARG A 185 -4.33 -8.08 -0.33
N HIS A 186 -3.95 -7.75 0.91
CA HIS A 186 -3.61 -8.78 1.91
C HIS A 186 -4.85 -9.45 2.49
N GLY A 187 -5.85 -8.64 2.88
CA GLY A 187 -7.05 -9.20 3.49
C GLY A 187 -7.42 -8.85 4.93
N ASN A 188 -8.72 -8.73 5.17
CA ASN A 188 -9.26 -8.28 6.44
C ASN A 188 -9.43 -9.42 7.45
N LYS A 195 -9.94 -20.20 5.02
CA LYS A 195 -9.07 -19.96 3.87
C LYS A 195 -8.71 -18.48 3.73
N GLN A 196 -7.59 -18.08 4.31
CA GLN A 196 -7.12 -16.70 4.23
C GLN A 196 -6.22 -16.45 3.02
N LEU A 197 -6.29 -15.25 2.46
CA LEU A 197 -5.55 -14.93 1.24
C LEU A 197 -4.02 -14.90 1.35
N GLY A 198 -3.49 -14.32 2.39
CA GLY A 198 -2.04 -14.28 2.40
C GLY A 198 -1.50 -12.98 1.84
N CYS A 199 -0.35 -12.60 2.39
CA CYS A 199 0.19 -11.27 2.15
C CYS A 199 1.31 -11.31 1.12
N TYR A 200 1.81 -10.12 0.84
CA TYR A 200 2.93 -9.90 -0.05
C TYR A 200 4.09 -10.83 0.25
N PHE A 201 4.26 -11.13 1.53
CA PHE A 201 5.41 -11.92 1.98
C PHE A 201 5.22 -13.43 1.99
N CYS A 202 3.97 -13.87 1.83
CA CYS A 202 3.67 -15.31 1.91
C CYS A 202 4.43 -16.17 0.92
N HIS A 203 4.63 -15.65 -0.29
CA HIS A 203 5.29 -16.40 -1.34
C HIS A 203 6.18 -15.47 -2.17
N ASP A 204 7.18 -16.04 -2.83
CA ASP A 204 7.95 -15.27 -3.79
C ASP A 204 7.01 -14.66 -4.82
N VAL A 205 6.92 -13.34 -4.83
CA VAL A 205 6.09 -12.65 -5.82
C VAL A 205 6.85 -12.53 -7.14
N VAL A 206 8.09 -13.00 -7.14
CA VAL A 206 8.90 -13.09 -8.35
C VAL A 206 9.98 -14.14 -8.11
N ALA A 207 10.23 -14.98 -9.11
CA ALA A 207 11.16 -16.10 -8.97
C ALA A 207 12.59 -15.72 -9.38
N PRO A 208 13.59 -16.31 -8.70
CA PRO A 208 15.00 -16.10 -9.01
C PRO A 208 15.34 -16.50 -10.45
N THR A 209 14.42 -17.21 -11.11
CA THR A 209 14.65 -17.75 -12.45
C THR A 209 13.99 -16.90 -13.55
N ASP A 210 13.06 -16.03 -13.16
CA ASP A 210 12.35 -15.18 -14.11
C ASP A 210 13.26 -14.19 -14.84
N SER A 211 12.63 -13.33 -15.63
CA SER A 211 13.33 -12.33 -16.45
C SER A 211 14.12 -11.34 -15.61
N LEU A 212 15.15 -10.75 -16.21
CA LEU A 212 15.95 -9.73 -15.52
C LEU A 212 15.15 -8.45 -15.22
N THR A 213 14.30 -8.03 -16.17
CA THR A 213 13.47 -6.84 -15.98
C THR A 213 12.31 -7.09 -15.01
N ASP A 214 11.86 -8.34 -14.91
CA ASP A 214 10.82 -8.70 -13.94
C ASP A 214 11.34 -8.71 -12.49
N ARG A 215 12.65 -8.92 -12.34
CA ARG A 215 13.32 -8.93 -11.03
C ARG A 215 13.59 -7.52 -10.47
N THR A 216 13.24 -6.50 -11.24
CA THR A 216 13.35 -5.12 -10.77
C THR A 216 12.15 -4.78 -9.90
N LEU A 217 11.19 -5.70 -9.83
CA LEU A 217 9.97 -5.47 -9.07
C LEU A 217 10.30 -5.16 -7.60
N ASP A 218 9.82 -4.02 -7.09
CA ASP A 218 10.01 -3.65 -5.69
C ASP A 218 11.47 -3.65 -5.25
N GLN A 219 12.36 -3.13 -6.09
CA GLN A 219 13.78 -3.00 -5.72
C GLN A 219 14.24 -1.56 -5.77
N MET A 220 13.33 -0.63 -5.49
CA MET A 220 13.50 0.77 -5.89
C MET A 220 14.33 0.97 -7.14
N CYS A 221 13.77 0.46 -8.24
CA CYS A 221 14.12 0.90 -9.56
C CYS A 221 13.63 2.35 -9.69
N THR A 222 14.57 3.26 -9.95
CA THR A 222 14.26 4.69 -10.04
C THR A 222 13.93 5.00 -11.50
N VAL A 223 14.15 4.01 -12.35
CA VAL A 223 14.01 4.22 -13.79
C VAL A 223 12.92 3.32 -14.39
N THR A 224 11.77 3.21 -13.73
CA THR A 224 10.64 2.53 -14.35
C THR A 224 10.12 3.33 -15.54
N ARG A 225 9.51 2.65 -16.50
CA ARG A 225 8.74 3.33 -17.54
C ARG A 225 7.62 4.13 -16.86
N PRO A 226 7.50 5.41 -17.22
CA PRO A 226 6.53 6.30 -16.57
C PRO A 226 5.10 5.70 -16.40
N GLY A 227 4.62 5.00 -17.42
CA GLY A 227 3.29 4.44 -17.40
C GLY A 227 3.03 3.39 -16.32
N VAL A 228 4.08 2.73 -15.84
CA VAL A 228 3.89 1.67 -14.86
C VAL A 228 3.17 2.18 -13.61
N ALA A 229 3.64 3.28 -13.03
CA ALA A 229 3.03 3.83 -11.81
C ALA A 229 1.59 4.32 -12.00
N MET A 230 1.29 4.84 -13.19
CA MET A 230 -0.05 5.28 -13.50
C MET A 230 -1.01 4.09 -13.54
N MET A 231 -0.63 3.02 -14.26
CA MET A 231 -1.49 1.85 -14.36
C MET A 231 -1.71 1.26 -12.96
N ALA A 232 -0.62 1.02 -12.23
CA ALA A 232 -0.71 0.36 -10.93
C ALA A 232 -1.59 1.16 -9.95
N SER A 233 -1.42 2.49 -9.95
CA SER A 233 -2.19 3.35 -9.05
C SER A 233 -3.68 3.25 -9.29
N SER A 234 -4.07 3.22 -10.56
CA SER A 234 -5.48 3.27 -10.85
C SER A 234 -6.13 1.91 -10.58
N LEU A 235 -5.42 0.82 -10.92
CA LEU A 235 -5.93 -0.52 -10.58
C LEU A 235 -6.11 -0.69 -9.07
N ALA A 236 -5.15 -0.18 -8.31
CA ALA A 236 -5.18 -0.31 -6.87
C ALA A 236 -6.41 0.37 -6.28
N VAL A 237 -6.72 1.55 -6.82
CA VAL A 237 -7.87 2.28 -6.36
C VAL A 237 -9.16 1.64 -6.85
N GLU A 238 -9.17 1.18 -8.12
CA GLU A 238 -10.35 0.49 -8.63
C GLU A 238 -10.57 -0.82 -7.84
N LEU A 239 -9.47 -1.47 -7.41
CA LEU A 239 -9.59 -2.66 -6.59
C LEU A 239 -10.20 -2.32 -5.24
N MET A 240 -9.76 -1.20 -4.65
CA MET A 240 -10.28 -0.79 -3.35
C MET A 240 -11.79 -0.54 -3.42
N THR A 241 -12.23 0.21 -4.42
CA THR A 241 -13.64 0.60 -4.52
C THR A 241 -14.54 -0.61 -4.69
N SER A 242 -14.08 -1.57 -5.48
CA SER A 242 -14.85 -2.80 -5.69
C SER A 242 -14.92 -3.61 -4.40
N LEU A 243 -13.82 -3.58 -3.68
CA LEU A 243 -13.63 -4.40 -2.52
C LEU A 243 -14.55 -3.95 -1.38
N LEU A 244 -14.85 -2.65 -1.40
CA LEU A 244 -15.69 -2.04 -0.38
C LEU A 244 -17.18 -2.35 -0.59
N GLN A 245 -17.52 -2.89 -1.76
CA GLN A 245 -18.89 -3.23 -2.12
C GLN A 245 -19.25 -4.61 -1.57
N THR A 246 -20.52 -4.84 -1.24
CA THR A 246 -20.94 -6.15 -0.75
C THR A 246 -20.77 -7.17 -1.86
N LYS A 247 -20.42 -8.38 -1.46
CA LYS A 247 -20.18 -9.46 -2.41
C LYS A 247 -21.49 -10.15 -2.77
N TYR A 248 -21.55 -10.71 -3.97
CA TYR A 248 -22.71 -11.52 -4.37
C TYR A 248 -22.65 -12.93 -3.78
N SER A 249 -23.82 -13.49 -3.44
CA SER A 249 -23.88 -14.84 -2.91
C SER A 249 -23.30 -15.83 -3.90
N GLY A 250 -22.39 -16.68 -3.44
CA GLY A 250 -21.75 -17.66 -4.30
C GLY A 250 -21.11 -16.99 -5.51
N SER A 251 -20.17 -16.09 -5.25
CA SER A 251 -19.50 -15.37 -6.33
C SER A 251 -18.47 -14.41 -5.75
N GLU A 252 -17.31 -14.35 -6.37
CA GLU A 252 -16.27 -13.41 -5.95
C GLU A 252 -16.33 -12.13 -6.79
N THR A 253 -17.54 -11.58 -6.86
CA THR A 253 -17.82 -10.38 -7.64
C THR A 253 -18.70 -9.44 -6.84
N THR A 254 -18.67 -8.16 -7.20
CA THR A 254 -19.52 -7.15 -6.59
C THR A 254 -20.16 -6.40 -7.73
N VAL A 255 -20.91 -5.35 -7.38
CA VAL A 255 -21.51 -4.46 -8.35
C VAL A 255 -20.46 -3.84 -9.29
N LEU A 256 -19.24 -3.66 -8.80
CA LEU A 256 -18.15 -3.13 -9.64
C LEU A 256 -17.35 -4.19 -10.39
N GLY A 257 -17.66 -5.47 -10.20
CA GLY A 257 -16.96 -6.52 -10.90
C GLY A 257 -16.10 -7.37 -9.98
N ASP A 258 -14.96 -7.85 -10.48
CA ASP A 258 -14.12 -8.79 -9.73
C ASP A 258 -13.38 -8.14 -8.57
N ILE A 259 -12.98 -8.97 -7.61
CA ILE A 259 -12.10 -8.56 -6.53
C ILE A 259 -10.92 -9.55 -6.43
N PRO A 260 -10.03 -9.53 -7.44
CA PRO A 260 -8.93 -10.51 -7.43
C PRO A 260 -8.03 -10.27 -6.23
N HIS A 261 -7.30 -11.31 -5.83
CA HIS A 261 -6.30 -11.20 -4.78
C HIS A 261 -5.11 -10.37 -5.28
N GLN A 262 -4.63 -10.72 -6.47
CA GLN A 262 -3.44 -10.10 -7.04
C GLN A 262 -3.65 -9.79 -8.51
N ILE A 263 -3.09 -8.67 -8.95
CA ILE A 263 -3.09 -8.26 -10.34
C ILE A 263 -1.64 -8.00 -10.78
N ARG A 264 -1.19 -8.67 -11.83
CA ARG A 264 0.12 -8.40 -12.40
C ARG A 264 -0.01 -7.89 -13.81
N GLY A 265 0.58 -6.74 -14.08
CA GLY A 265 0.56 -6.13 -15.39
C GLY A 265 1.94 -6.01 -15.99
N PHE A 266 1.99 -6.07 -17.31
CA PHE A 266 3.24 -6.07 -18.07
C PHE A 266 3.06 -5.10 -19.22
N LEU A 267 3.97 -4.13 -19.34
CA LEU A 267 3.89 -3.16 -20.43
C LEU A 267 4.41 -3.69 -21.76
N HIS A 268 5.41 -4.56 -21.72
CA HIS A 268 6.09 -4.95 -22.96
C HIS A 268 5.13 -5.68 -23.91
N ASN A 269 4.14 -6.37 -23.34
CA ASN A 269 3.17 -7.05 -24.19
C ASN A 269 1.73 -6.67 -23.84
N PHE A 270 1.58 -5.57 -23.10
CA PHE A 270 0.26 -5.05 -22.72
C PHE A 270 -0.69 -6.14 -22.24
N SER A 271 -0.31 -6.81 -21.17
CA SER A 271 -1.11 -7.89 -20.62
C SER A 271 -1.37 -7.67 -19.12
N ILE A 272 -2.39 -8.34 -18.61
CA ILE A 272 -2.70 -8.35 -17.19
C ILE A 272 -3.10 -9.76 -16.77
N LEU A 273 -2.59 -10.17 -15.62
CA LEU A 273 -2.90 -11.49 -15.08
C LEU A 273 -3.48 -11.33 -13.69
N LYS A 274 -4.48 -12.15 -13.39
CA LYS A 274 -5.01 -12.18 -12.06
C LYS A 274 -4.65 -13.51 -11.44
N LEU A 275 -4.32 -13.48 -10.16
CA LEU A 275 -3.97 -14.71 -9.47
C LEU A 275 -4.22 -14.60 -7.97
N GLU A 276 -4.15 -15.73 -7.31
CA GLU A 276 -4.56 -15.81 -5.92
C GLU A 276 -3.60 -16.75 -5.22
N THR A 277 -3.32 -16.47 -3.95
CA THR A 277 -2.32 -17.22 -3.21
C THR A 277 -2.84 -17.52 -1.81
N PRO A 278 -2.66 -18.73 -1.29
CA PRO A 278 -3.13 -18.88 0.11
C PRO A 278 -2.10 -18.36 1.14
N ALA A 279 -2.55 -18.00 2.33
CA ALA A 279 -1.63 -17.64 3.41
C ALA A 279 -0.65 -18.79 3.71
N TYR A 280 0.62 -18.45 3.85
CA TYR A 280 1.66 -19.45 4.07
C TYR A 280 1.97 -19.61 5.54
N GLU A 281 2.13 -20.86 5.98
CA GLU A 281 2.31 -21.19 7.39
C GLU A 281 3.57 -20.58 8.03
N HIS A 282 4.63 -20.43 7.25
CA HIS A 282 5.87 -19.86 7.78
C HIS A 282 6.21 -18.49 7.20
N CYS A 283 5.20 -17.71 6.89
CA CYS A 283 5.41 -16.36 6.44
C CYS A 283 6.07 -15.50 7.52
N PRO A 284 7.08 -14.74 7.12
CA PRO A 284 7.81 -13.84 8.03
C PRO A 284 6.94 -12.65 8.50
N ALA A 285 5.81 -12.43 7.84
CA ALA A 285 4.94 -11.31 8.17
C ALA A 285 3.61 -11.73 8.81
N CYS A 286 2.99 -12.82 8.35
CA CYS A 286 1.63 -13.10 8.82
C CYS A 286 1.40 -14.45 9.48
N SER A 287 2.45 -15.22 9.68
CA SER A 287 2.28 -16.53 10.27
C SER A 287 1.95 -16.38 11.76
N PRO A 288 1.07 -17.26 12.27
CA PRO A 288 0.61 -17.29 13.66
C PRO A 288 1.73 -17.13 14.70
N LYS A 289 2.88 -17.77 14.48
CA LYS A 289 3.99 -17.64 15.41
C LYS A 289 4.57 -16.21 15.42
N VAL A 290 4.58 -15.56 14.26
CA VAL A 290 5.05 -14.18 14.18
C VAL A 290 4.08 -13.23 14.87
N ILE A 291 2.78 -13.49 14.70
CA ILE A 291 1.76 -12.74 15.41
C ILE A 291 1.92 -12.93 16.93
N GLU A 292 2.00 -14.19 17.33
CA GLU A 292 2.14 -14.55 18.73
C GLU A 292 3.36 -13.86 19.33
N ALA A 293 4.45 -13.89 18.58
CA ALA A 293 5.70 -13.29 19.01
C ALA A 293 5.55 -11.77 19.16
N PHE A 294 4.84 -11.15 18.24
CA PHE A 294 4.65 -9.71 18.31
C PHE A 294 3.74 -9.34 19.46
N THR A 295 2.71 -10.16 19.67
CA THR A 295 1.73 -9.91 20.72
C THR A 295 2.36 -10.08 22.10
N ASP A 296 3.37 -10.94 22.20
CA ASP A 296 4.02 -11.23 23.48
C ASP A 296 5.17 -10.28 23.80
N LEU A 297 5.90 -9.82 22.77
CA LEU A 297 7.17 -9.13 23.00
C LEU A 297 7.20 -7.69 22.50
N GLY A 298 6.26 -7.32 21.64
CA GLY A 298 6.19 -5.96 21.12
C GLY A 298 7.43 -5.50 20.37
N TRP A 299 7.79 -4.25 20.60
CA TRP A 299 8.92 -3.58 19.95
C TRP A 299 10.23 -4.34 20.13
N GLU A 300 10.37 -5.00 21.27
CA GLU A 300 11.55 -5.81 21.49
C GLU A 300 11.67 -6.89 20.42
N PHE A 301 10.54 -7.50 20.06
CA PHE A 301 10.53 -8.46 18.97
C PHE A 301 10.84 -7.78 17.63
N VAL A 302 10.17 -6.66 17.38
CA VAL A 302 10.32 -5.96 16.11
C VAL A 302 11.75 -5.55 15.88
N LYS A 303 12.37 -4.98 16.92
CA LYS A 303 13.74 -4.50 16.87
C LYS A 303 14.71 -5.62 16.45
N LYS A 304 14.55 -6.77 17.08
CA LYS A 304 15.42 -7.91 16.80
C LYS A 304 15.20 -8.41 15.36
N ALA A 305 13.93 -8.51 14.95
CA ALA A 305 13.60 -8.91 13.59
C ALA A 305 14.18 -7.93 12.57
N LEU A 306 14.11 -6.63 12.87
CA LEU A 306 14.60 -5.61 11.95
C LEU A 306 16.11 -5.72 11.71
N GLU A 307 16.88 -5.86 12.79
CA GLU A 307 18.32 -5.94 12.64
C GLU A 307 18.79 -7.34 12.26
N HIS A 308 18.00 -8.36 12.61
CA HIS A 308 18.38 -9.75 12.36
C HIS A 308 17.25 -10.58 11.73
N PRO A 309 17.08 -10.43 10.40
CA PRO A 309 16.04 -11.15 9.65
C PRO A 309 16.07 -12.67 9.87
N LEU A 310 17.24 -13.25 10.09
CA LEU A 310 17.32 -14.69 10.33
C LEU A 310 16.64 -15.11 11.64
N TYR A 311 16.63 -14.24 12.62
CA TYR A 311 15.86 -14.46 13.84
C TYR A 311 14.39 -14.64 13.47
N LEU A 312 13.93 -13.80 12.55
CA LEU A 312 12.56 -13.88 12.09
C LEU A 312 12.22 -15.28 11.56
N GLU A 313 13.16 -15.88 10.83
CA GLU A 313 12.94 -17.23 10.29
C GLU A 313 12.93 -18.35 11.35
N GLU A 314 13.59 -18.12 12.48
CA GLU A 314 13.50 -19.08 13.58
C GLU A 314 12.09 -19.01 14.14
N ILE A 315 11.64 -17.80 14.41
CA ILE A 315 10.30 -17.58 14.94
C ILE A 315 9.24 -18.18 14.01
N SER A 316 9.34 -17.89 12.72
CA SER A 316 8.26 -18.23 11.80
C SER A 316 8.10 -19.74 11.63
N GLY A 317 9.20 -20.46 11.84
CA GLY A 317 9.25 -21.88 11.61
C GLY A 317 9.83 -22.19 10.24
N LEU A 318 10.28 -21.14 9.55
CA LEU A 318 10.83 -21.28 8.21
C LEU A 318 12.17 -21.98 8.26
N SER A 319 12.96 -21.67 9.29
CA SER A 319 14.28 -22.27 9.45
C SER A 319 14.19 -23.77 9.65
N VAL A 320 13.28 -24.21 10.51
CA VAL A 320 13.11 -25.63 10.77
C VAL A 320 12.71 -26.36 9.47
N ILE A 321 11.97 -25.66 8.61
CA ILE A 321 11.63 -26.19 7.30
C ILE A 321 12.90 -26.34 6.45
N LYS A 322 13.68 -25.26 6.35
CA LYS A 322 14.91 -25.31 5.58
C LYS A 322 15.89 -26.39 6.09
N GLN A 323 15.86 -26.66 7.39
CA GLN A 323 16.75 -27.66 7.98
C GLN A 323 16.33 -29.09 7.70
N GLU A 324 15.03 -29.34 7.60
CA GLU A 324 14.58 -30.68 7.27
C GLU A 324 14.82 -31.01 5.79
N VAL A 325 14.92 -29.96 4.96
CA VAL A 325 15.38 -30.09 3.58
C VAL A 325 16.86 -30.46 3.50
N GLU A 326 17.70 -29.64 4.13
CA GLU A 326 19.14 -29.93 4.21
C GLU A 326 19.40 -31.38 4.59
N ARG A 327 18.57 -31.91 5.50
CA ARG A 327 18.79 -33.23 6.08
C ARG A 327 18.44 -34.40 5.15
N LEU A 328 18.26 -34.11 3.86
CA LEU A 328 17.93 -35.13 2.87
C LEU A 328 18.95 -35.23 1.73
#